data_3CA1
#
_entry.id   3CA1
#
_cell.length_a   126.124
_cell.length_b   126.124
_cell.length_c   76.039
_cell.angle_alpha   90.00
_cell.angle_beta   90.00
_cell.angle_gamma   90.00
#
_symmetry.space_group_name_H-M   'I 41 2 2'
#
loop_
_entity.id
_entity.type
_entity.pdbx_description
1 polymer 'Agglutinin II'
2 branched alpha-L-fucopyranose-(1-3)-[2-acetamido-2-deoxy-beta-D-glucopyranose-(1-4)]2-acetamido-2-deoxy-beta-D-glucopyranose
3 branched 2-acetamido-2-deoxy-beta-D-glucopyranose-(1-4)-2-acetamido-2-deoxy-beta-D-glucopyranose
4 non-polymer 2-acetamido-2-deoxy-beta-D-glucopyranose
5 non-polymer alpha-D-galactopyranose
6 non-polymer 'SULFATE ION'
7 non-polymer 'ACETATE ION'
8 water water
#
_entity_poly.entity_id   1
_entity_poly.type   'polypeptide(L)'
_entity_poly.pdbx_seq_one_letter_code
;TSFTRNIVGRDGLCVDVRNGYDTDGTPLQLWPCGTQRNQRWTFDSDDTIRSMGKCMTANGLNNGSNIVIFNCSTAAENAI
KWEVPIDGSIINPSSGLVMTAPRAASRTILLLEDNIYAASQGWTVTNNVKPIVASIVGYKEMCLQSNGENNGVWMEDCEA
TSLQQQWALYGDRTIRVNSTRGLCVTTNGYNSKDLIIILKCQGLPSQRWFFNSDGAIVNPKSRLVMDVRASNVSLREIII
FPATGNPNQQWVTQVLPS
;
_entity_poly.pdbx_strand_id   A
#
# COMPACT_ATOMS: atom_id res chain seq x y z
N THR A 1 -11.48 -7.39 21.75
CA THR A 1 -11.28 -8.32 20.57
C THR A 1 -11.79 -7.76 19.25
N SER A 2 -12.31 -6.54 19.32
CA SER A 2 -12.51 -5.74 18.13
C SER A 2 -11.90 -4.36 18.30
N PHE A 3 -11.52 -3.79 17.18
CA PHE A 3 -10.97 -2.47 17.14
C PHE A 3 -11.41 -1.83 15.80
N THR A 4 -11.41 -0.49 15.75
CA THR A 4 -11.99 0.22 14.61
C THR A 4 -10.97 1.22 14.07
N ARG A 5 -10.87 1.25 12.72
CA ARG A 5 -9.89 2.06 12.02
C ARG A 5 -10.46 2.53 10.68
N ASN A 6 -9.76 3.43 10.00
CA ASN A 6 -10.00 3.68 8.57
C ASN A 6 -9.17 2.68 7.77
N ILE A 7 -9.49 2.54 6.49
CA ILE A 7 -8.67 1.71 5.59
C ILE A 7 -8.27 2.58 4.41
N VAL A 8 -6.98 2.87 4.34
CA VAL A 8 -6.40 3.78 3.33
C VAL A 8 -5.80 2.96 2.18
N GLY A 9 -6.08 3.35 0.91
CA GLY A 9 -5.53 2.68 -0.26
C GLY A 9 -5.11 3.65 -1.33
N ARG A 10 -5.47 3.31 -2.57
CA ARG A 10 -4.94 3.96 -3.74
C ARG A 10 -5.02 5.46 -3.69
N ASP A 11 -3.88 6.12 -3.95
CA ASP A 11 -3.75 7.57 -3.93
C ASP A 11 -4.08 8.22 -2.55
N GLY A 12 -4.08 7.41 -1.47
CA GLY A 12 -4.39 7.91 -0.15
C GLY A 12 -5.85 8.14 0.14
N LEU A 13 -6.70 7.60 -0.74
N LEU A 13 -6.72 7.73 -0.77
CA LEU A 13 -8.14 7.60 -0.54
CA LEU A 13 -8.17 7.74 -0.51
C LEU A 13 -8.59 6.42 0.29
C LEU A 13 -8.52 6.56 0.40
N CYS A 14 -9.74 6.55 0.93
CA CYS A 14 -10.18 5.55 1.90
C CYS A 14 -11.32 4.71 1.37
N VAL A 15 -11.45 3.52 1.95
CA VAL A 15 -12.54 2.60 1.70
C VAL A 15 -13.81 3.17 2.36
N ASP A 16 -14.85 3.36 1.54
CA ASP A 16 -16.03 4.16 1.88
C ASP A 16 -17.26 3.46 1.34
N VAL A 17 -18.26 3.26 2.19
CA VAL A 17 -19.54 2.70 1.74
C VAL A 17 -20.31 3.83 1.00
N ARG A 18 -20.61 3.57 -0.29
CA ARG A 18 -21.02 4.65 -1.23
C ARG A 18 -22.29 5.40 -0.73
N ASN A 19 -22.18 6.74 -0.71
CA ASN A 19 -23.24 7.64 -0.26
C ASN A 19 -23.54 7.57 1.22
N GLY A 20 -22.79 6.77 1.96
CA GLY A 20 -23.10 6.49 3.37
C GLY A 20 -24.34 5.68 3.59
N TYR A 21 -24.87 5.03 2.52
CA TYR A 21 -26.03 4.18 2.63
C TYR A 21 -25.63 2.85 3.26
N ASP A 22 -26.49 2.30 4.12
CA ASP A 22 -26.30 0.98 4.71
C ASP A 22 -27.19 -0.13 4.18
N THR A 23 -27.87 0.15 3.06
N THR A 23 -27.95 0.13 3.11
CA THR A 23 -28.69 -0.84 2.39
CA THR A 23 -28.81 -0.91 2.56
C THR A 23 -27.86 -2.05 1.90
C THR A 23 -27.91 -2.02 1.99
N ASP A 24 -28.35 -3.26 2.13
CA ASP A 24 -27.63 -4.41 1.64
C ASP A 24 -27.25 -4.23 0.17
N GLY A 25 -26.01 -4.56 -0.16
CA GLY A 25 -25.55 -4.47 -1.53
C GLY A 25 -24.90 -3.19 -1.92
N THR A 26 -24.87 -2.22 -1.02
CA THR A 26 -24.25 -0.93 -1.36
C THR A 26 -22.77 -1.13 -1.60
N PRO A 27 -22.26 -0.76 -2.81
N PRO A 27 -22.26 -0.66 -2.75
CA PRO A 27 -20.83 -0.87 -3.14
CA PRO A 27 -20.87 -1.00 -3.00
C PRO A 27 -19.84 -0.07 -2.29
C PRO A 27 -19.93 -0.21 -2.13
N LEU A 28 -18.68 -0.67 -2.08
CA LEU A 28 -17.55 0.05 -1.51
C LEU A 28 -16.85 0.81 -2.62
N GLN A 29 -16.30 1.97 -2.29
CA GLN A 29 -15.65 2.85 -3.23
C GLN A 29 -14.47 3.53 -2.53
N LEU A 30 -13.65 4.18 -3.32
CA LEU A 30 -12.70 5.16 -2.81
C LEU A 30 -13.34 6.53 -2.61
N TRP A 31 -12.98 7.19 -1.51
CA TRP A 31 -13.44 8.55 -1.23
C TRP A 31 -12.40 9.20 -0.34
N PRO A 32 -12.22 10.53 -0.45
CA PRO A 32 -11.28 11.18 0.45
C PRO A 32 -11.55 10.82 1.95
N CYS A 33 -10.47 10.59 2.70
CA CYS A 33 -10.60 10.05 4.04
C CYS A 33 -11.22 11.08 4.99
N GLY A 34 -12.05 10.55 5.86
CA GLY A 34 -12.68 11.31 6.95
C GLY A 34 -13.15 10.45 8.08
N THR A 35 -13.89 11.05 9.00
CA THR A 35 -14.36 10.40 10.19
C THR A 35 -15.76 9.82 10.09
N GLN A 36 -16.40 9.99 8.91
CA GLN A 36 -17.77 9.47 8.75
C GLN A 36 -17.85 7.99 9.01
N ARG A 37 -18.95 7.53 9.57
CA ARG A 37 -19.11 6.14 10.00
C ARG A 37 -18.94 5.11 8.93
N ASN A 38 -19.27 5.51 7.69
CA ASN A 38 -19.15 4.63 6.50
C ASN A 38 -17.71 4.50 6.03
N GLN A 39 -16.78 5.11 6.77
CA GLN A 39 -15.33 4.90 6.58
C GLN A 39 -14.67 4.26 7.83
N ARG A 40 -15.46 3.97 8.86
CA ARG A 40 -14.93 3.38 10.09
C ARG A 40 -15.21 1.90 10.06
N TRP A 41 -14.13 1.10 10.03
CA TRP A 41 -14.21 -0.32 9.83
C TRP A 41 -13.76 -1.01 11.12
N THR A 42 -14.60 -1.90 11.63
CA THR A 42 -14.33 -2.64 12.86
C THR A 42 -13.91 -4.04 12.49
N PHE A 43 -12.72 -4.38 12.97
CA PHE A 43 -12.08 -5.69 12.74
C PHE A 43 -12.35 -6.55 13.98
N ASP A 44 -13.19 -7.55 13.73
N ASP A 44 -12.89 -7.75 13.78
CA ASP A 44 -13.72 -8.49 14.74
CA ASP A 44 -13.10 -8.72 14.89
C ASP A 44 -12.92 -9.79 14.66
C ASP A 44 -12.32 -10.00 14.70
N SER A 45 -12.86 -10.51 15.79
N SER A 45 -12.19 -10.70 15.83
CA SER A 45 -12.00 -11.70 15.88
CA SER A 45 -11.75 -12.09 15.88
C SER A 45 -12.40 -12.82 14.94
C SER A 45 -12.46 -13.08 14.98
N ASP A 46 -13.66 -12.79 14.50
CA ASP A 46 -14.24 -13.67 13.51
C ASP A 46 -13.86 -13.40 12.02
N ASP A 47 -12.92 -12.48 11.81
N ASP A 47 -12.89 -12.51 11.79
CA ASP A 47 -12.39 -12.17 10.50
CA ASP A 47 -12.37 -12.18 10.46
C ASP A 47 -13.42 -11.52 9.60
C ASP A 47 -13.29 -11.28 9.63
N THR A 48 -14.38 -10.85 10.22
CA THR A 48 -15.24 -9.91 9.54
C THR A 48 -14.70 -8.49 9.70
N ILE A 49 -15.10 -7.62 8.77
CA ILE A 49 -14.69 -6.22 8.77
C ILE A 49 -16.01 -5.49 8.56
N ARG A 50 -16.40 -4.71 9.55
CA ARG A 50 -17.73 -4.15 9.61
C ARG A 50 -17.81 -2.63 9.63
N SER A 51 -18.86 -2.08 8.95
CA SER A 51 -19.15 -0.68 9.01
C SER A 51 -20.64 -0.53 9.14
N MET A 52 -21.04 0.41 9.98
CA MET A 52 -22.46 0.67 10.18
C MET A 52 -23.25 -0.60 10.56
N GLY A 53 -22.57 -1.51 11.26
CA GLY A 53 -23.16 -2.71 11.79
C GLY A 53 -23.31 -3.85 10.79
N LYS A 54 -22.82 -3.64 9.56
CA LYS A 54 -22.91 -4.61 8.48
C LYS A 54 -21.50 -4.99 8.03
N CYS A 55 -21.42 -6.02 7.21
CA CYS A 55 -20.13 -6.65 6.87
C CYS A 55 -19.64 -6.29 5.44
N MET A 56 -18.35 -6.06 5.32
CA MET A 56 -17.69 -6.08 4.00
C MET A 56 -17.91 -7.47 3.41
N THR A 57 -18.48 -7.50 2.21
CA THR A 57 -19.00 -8.71 1.58
C THR A 57 -18.64 -8.79 0.11
N ALA A 58 -18.09 -9.93 -0.29
CA ALA A 58 -17.88 -10.21 -1.72
C ALA A 58 -19.21 -10.54 -2.37
N ASN A 59 -19.60 -9.76 -3.38
CA ASN A 59 -20.93 -9.97 -4.03
C ASN A 59 -20.58 -10.84 -5.16
N GLY A 60 -20.26 -12.06 -4.81
CA GLY A 60 -19.67 -12.99 -5.71
C GLY A 60 -18.22 -13.18 -5.46
N LEU A 61 -17.80 -14.32 -5.92
CA LEU A 61 -16.45 -14.74 -5.75
C LEU A 61 -15.80 -15.10 -7.07
N ASN A 62 -15.66 -14.12 -7.95
CA ASN A 62 -15.09 -14.29 -9.30
C ASN A 62 -14.17 -13.07 -9.58
N ASN A 63 -13.29 -13.12 -10.59
CA ASN A 63 -12.45 -12.01 -10.97
C ASN A 63 -13.35 -10.90 -11.46
N GLY A 64 -13.32 -9.77 -10.76
CA GLY A 64 -14.12 -8.62 -11.15
C GLY A 64 -15.38 -8.47 -10.32
N SER A 65 -15.65 -9.39 -9.41
CA SER A 65 -16.78 -9.26 -8.49
C SER A 65 -16.69 -8.03 -7.59
N ASN A 66 -17.84 -7.42 -7.40
CA ASN A 66 -17.94 -6.25 -6.57
C ASN A 66 -17.88 -6.60 -5.08
N ILE A 67 -17.33 -5.67 -4.31
CA ILE A 67 -17.35 -5.74 -2.83
C ILE A 67 -18.37 -4.70 -2.34
N VAL A 68 -19.22 -5.15 -1.41
CA VAL A 68 -20.36 -4.39 -0.94
C VAL A 68 -20.46 -4.49 0.56
N ILE A 69 -21.37 -3.73 1.15
CA ILE A 69 -21.80 -3.94 2.56
C ILE A 69 -23.04 -4.83 2.52
N PHE A 70 -23.16 -5.72 3.50
CA PHE A 70 -24.25 -6.67 3.55
C PHE A 70 -24.39 -7.14 5.00
N ASN A 71 -25.65 -7.34 5.40
CA ASN A 71 -26.01 -7.96 6.70
C ASN A 71 -25.10 -9.14 6.98
N CYS A 72 -24.45 -9.12 8.15
CA CYS A 72 -23.45 -10.15 8.50
C CYS A 72 -24.06 -11.53 8.73
N SER A 73 -25.32 -11.58 9.18
N SER A 73 -25.31 -11.58 9.20
CA SER A 73 -25.95 -12.88 9.48
CA SER A 73 -25.94 -12.87 9.50
C SER A 73 -26.56 -13.56 8.28
C SER A 73 -26.49 -13.56 8.25
N THR A 74 -26.93 -12.79 7.25
CA THR A 74 -27.60 -13.33 6.07
C THR A 74 -26.70 -13.52 4.85
N ALA A 75 -25.56 -12.80 4.83
CA ALA A 75 -24.56 -13.05 3.80
C ALA A 75 -23.99 -14.45 3.90
N ALA A 76 -23.45 -14.93 2.78
CA ALA A 76 -22.70 -16.18 2.77
C ALA A 76 -21.44 -16.06 3.61
N GLU A 77 -21.18 -17.04 4.48
CA GLU A 77 -20.02 -17.00 5.37
C GLU A 77 -18.71 -16.80 4.57
N ASN A 78 -18.60 -17.49 3.42
N ASN A 78 -18.53 -17.51 3.46
CA ASN A 78 -17.42 -17.39 2.53
CA ASN A 78 -17.27 -17.32 2.74
C ASN A 78 -17.15 -15.99 2.00
C ASN A 78 -17.09 -15.89 2.24
N ALA A 79 -18.21 -15.20 1.99
CA ALA A 79 -18.19 -13.86 1.38
C ALA A 79 -17.85 -12.77 2.38
N ILE A 80 -17.89 -13.04 3.70
CA ILE A 80 -17.69 -12.03 4.71
C ILE A 80 -16.40 -12.19 5.50
N LYS A 81 -15.60 -13.18 5.17
N LYS A 81 -15.59 -13.13 5.08
CA LYS A 81 -14.32 -13.39 5.89
CA LYS A 81 -14.30 -13.38 5.76
C LYS A 81 -13.16 -12.86 5.05
C LYS A 81 -13.18 -12.72 4.98
N TRP A 82 -12.24 -12.15 5.72
CA TRP A 82 -11.14 -11.41 5.13
C TRP A 82 -9.91 -11.57 5.99
N GLU A 83 -8.74 -11.59 5.36
N GLU A 83 -8.74 -11.49 5.39
CA GLU A 83 -7.45 -11.55 6.08
CA GLU A 83 -7.52 -11.42 6.18
C GLU A 83 -6.69 -10.31 5.63
C GLU A 83 -6.64 -10.34 5.61
N VAL A 84 -5.70 -9.90 6.42
CA VAL A 84 -4.88 -8.74 6.14
C VAL A 84 -3.40 -9.13 6.16
N PRO A 85 -2.94 -9.66 5.02
CA PRO A 85 -1.53 -10.04 4.92
C PRO A 85 -0.58 -8.91 5.27
N ILE A 86 0.61 -9.26 5.75
CA ILE A 86 1.55 -8.29 6.23
C ILE A 86 2.02 -7.32 5.12
N ASP A 87 1.94 -7.73 3.85
CA ASP A 87 2.34 -6.85 2.77
C ASP A 87 1.26 -5.84 2.39
N GLY A 88 0.16 -5.86 3.08
CA GLY A 88 -0.87 -4.82 2.88
C GLY A 88 -2.00 -5.17 1.94
N SER A 89 -2.10 -6.41 1.50
CA SER A 89 -3.27 -6.87 0.76
C SER A 89 -4.47 -6.98 1.72
N ILE A 90 -5.66 -7.08 1.13
CA ILE A 90 -6.87 -7.48 1.86
C ILE A 90 -7.47 -8.57 0.99
N ILE A 91 -7.43 -9.80 1.54
CA ILE A 91 -7.74 -10.99 0.78
C ILE A 91 -9.02 -11.65 1.32
N ASN A 92 -9.81 -12.19 0.39
CA ASN A 92 -10.93 -13.08 0.71
C ASN A 92 -10.40 -14.50 0.66
N PRO A 93 -10.28 -15.15 1.81
CA PRO A 93 -9.61 -16.48 1.78
C PRO A 93 -10.27 -17.53 0.91
N SER A 94 -11.60 -17.53 0.80
CA SER A 94 -12.31 -18.55 0.01
C SER A 94 -11.89 -18.56 -1.45
N SER A 95 -11.90 -17.38 -2.04
CA SER A 95 -11.58 -17.18 -3.45
C SER A 95 -10.11 -16.96 -3.72
N GLY A 96 -9.35 -16.49 -2.72
CA GLY A 96 -7.99 -16.02 -2.92
C GLY A 96 -7.84 -14.72 -3.71
N LEU A 97 -8.95 -14.07 -4.00
CA LEU A 97 -8.93 -12.80 -4.71
C LEU A 97 -8.71 -11.69 -3.67
N VAL A 98 -8.24 -10.56 -4.17
CA VAL A 98 -7.83 -9.45 -3.32
C VAL A 98 -8.59 -8.15 -3.70
N MET A 99 -8.80 -7.29 -2.69
CA MET A 99 -9.46 -6.03 -2.90
C MET A 99 -8.60 -5.14 -3.76
N THR A 100 -9.21 -4.58 -4.83
CA THR A 100 -8.50 -3.82 -5.84
C THR A 100 -9.25 -2.54 -6.17
N ALA A 101 -8.49 -1.45 -6.27
CA ALA A 101 -9.04 -0.16 -6.74
C ALA A 101 -8.62 0.02 -8.20
N PRO A 102 -9.55 -0.24 -9.16
CA PRO A 102 -9.04 -0.30 -10.59
C PRO A 102 -8.68 1.03 -11.24
N ARG A 103 -9.10 2.12 -10.61
N ARG A 103 -9.16 2.13 -10.65
CA ARG A 103 -8.79 3.48 -11.01
CA ARG A 103 -8.81 3.49 -11.03
C ARG A 103 -8.45 4.29 -9.76
C ARG A 103 -8.44 4.27 -9.77
N ALA A 104 -7.78 5.42 -9.93
CA ALA A 104 -7.42 6.29 -8.78
C ALA A 104 -8.54 7.26 -8.30
N ALA A 105 -9.52 7.46 -9.15
CA ALA A 105 -10.48 8.50 -8.93
C ALA A 105 -11.35 8.26 -7.74
N SER A 106 -11.73 9.36 -7.09
N SER A 106 -11.77 9.34 -7.09
CA SER A 106 -12.90 9.34 -6.20
CA SER A 106 -12.87 9.19 -6.13
C SER A 106 -14.05 8.58 -6.89
C SER A 106 -14.08 8.62 -6.84
N ARG A 107 -14.82 7.81 -6.10
CA ARG A 107 -15.96 7.08 -6.60
C ARG A 107 -15.65 5.81 -7.42
N THR A 108 -14.35 5.46 -7.53
CA THR A 108 -14.00 4.18 -8.09
C THR A 108 -14.55 3.09 -7.18
N ILE A 109 -15.20 2.11 -7.78
CA ILE A 109 -15.78 1.00 -7.10
C ILE A 109 -14.76 -0.11 -6.90
N LEU A 110 -14.76 -0.69 -5.71
CA LEU A 110 -13.77 -1.68 -5.33
C LEU A 110 -14.21 -3.08 -5.74
N LEU A 111 -13.23 -3.81 -6.31
CA LEU A 111 -13.52 -5.12 -6.88
C LEU A 111 -12.58 -6.18 -6.26
N LEU A 112 -13.01 -7.41 -6.30
CA LEU A 112 -12.13 -8.57 -6.04
C LEU A 112 -11.50 -8.94 -7.37
N GLU A 113 -10.17 -8.99 -7.40
CA GLU A 113 -9.49 -9.42 -8.58
C GLU A 113 -8.33 -10.33 -8.25
N ASP A 114 -7.86 -11.01 -9.31
CA ASP A 114 -6.65 -11.84 -9.19
C ASP A 114 -5.51 -11.00 -8.58
N ASN A 115 -4.82 -11.59 -7.60
CA ASN A 115 -3.65 -10.91 -7.00
C ASN A 115 -2.51 -10.85 -7.96
N ILE A 116 -2.13 -9.61 -8.30
CA ILE A 116 -0.93 -9.35 -9.13
C ILE A 116 0.08 -8.50 -8.34
N TYR A 117 -0.15 -8.35 -7.03
CA TYR A 117 0.69 -7.53 -6.12
C TYR A 117 0.80 -6.12 -6.65
N ALA A 118 -0.31 -5.59 -7.17
CA ALA A 118 -0.32 -4.24 -7.72
C ALA A 118 -0.45 -3.19 -6.58
N ALA A 119 0.07 -1.97 -6.78
CA ALA A 119 -0.18 -0.90 -5.81
C ALA A 119 -1.69 -0.59 -5.70
N SER A 120 -2.45 -0.90 -6.74
CA SER A 120 -3.93 -0.81 -6.65
C SER A 120 -4.57 -1.81 -5.70
N GLN A 121 -3.77 -2.74 -5.19
CA GLN A 121 -4.17 -3.81 -4.31
C GLN A 121 -3.51 -3.65 -2.90
N GLY A 122 -2.86 -2.52 -2.68
CA GLY A 122 -2.25 -2.20 -1.38
C GLY A 122 -3.18 -1.37 -0.49
N TRP A 123 -3.24 -1.68 0.81
CA TRP A 123 -4.10 -1.00 1.78
C TRP A 123 -3.38 -0.87 3.14
N THR A 124 -3.77 0.11 3.95
CA THR A 124 -3.25 0.27 5.29
C THR A 124 -4.41 0.56 6.25
N VAL A 125 -4.49 -0.27 7.29
CA VAL A 125 -5.49 -0.17 8.35
C VAL A 125 -4.95 0.73 9.48
N THR A 126 -5.51 1.92 9.63
CA THR A 126 -4.94 2.96 10.47
C THR A 126 -5.94 4.02 10.88
N ASN A 127 -5.71 4.71 12.00
CA ASN A 127 -6.45 5.90 12.31
C ASN A 127 -5.83 7.17 11.77
N ASN A 128 -4.56 7.11 11.35
CA ASN A 128 -3.91 8.28 10.75
C ASN A 128 -4.20 8.28 9.24
N VAL A 129 -5.06 9.17 8.80
CA VAL A 129 -5.45 9.13 7.38
C VAL A 129 -4.56 9.97 6.48
N LYS A 130 -3.44 10.46 7.01
CA LYS A 130 -2.45 11.15 6.20
C LYS A 130 -1.20 10.29 5.99
N PRO A 131 -0.58 10.43 4.81
CA PRO A 131 0.66 9.67 4.60
C PRO A 131 1.70 10.01 5.66
N ILE A 132 2.51 9.03 6.00
N ILE A 132 2.51 9.05 6.06
CA ILE A 132 3.62 9.22 6.91
CA ILE A 132 3.60 9.33 6.98
C ILE A 132 4.75 9.85 6.10
C ILE A 132 4.80 9.79 6.18
N VAL A 133 5.38 10.90 6.63
CA VAL A 133 6.48 11.58 5.92
C VAL A 133 7.80 11.33 6.65
N ALA A 134 8.76 10.74 5.93
CA ALA A 134 9.95 10.23 6.54
C ALA A 134 11.13 10.29 5.58
N SER A 135 12.33 10.32 6.14
N SER A 135 12.33 10.36 6.15
CA SER A 135 13.52 10.00 5.39
CA SER A 135 13.56 10.02 5.45
C SER A 135 13.77 8.51 5.48
C SER A 135 13.61 8.51 5.39
N ILE A 136 14.36 7.98 4.41
CA ILE A 136 14.67 6.57 4.30
C ILE A 136 16.18 6.48 4.35
N VAL A 137 16.67 6.00 5.51
CA VAL A 137 18.10 5.95 5.80
C VAL A 137 18.58 4.53 5.54
N GLY A 138 19.68 4.42 4.80
CA GLY A 138 20.25 3.16 4.41
C GLY A 138 21.74 3.08 4.58
N TYR A 139 22.36 2.45 3.59
CA TYR A 139 23.76 2.13 3.57
C TYR A 139 24.58 3.36 3.96
N LYS A 140 25.57 3.12 4.85
CA LYS A 140 26.45 4.19 5.36
C LYS A 140 25.74 5.33 6.05
N GLU A 141 24.54 5.07 6.54
CA GLU A 141 23.69 6.05 7.15
C GLU A 141 23.35 7.24 6.23
N MET A 142 23.38 6.97 4.93
CA MET A 142 22.96 7.92 3.91
C MET A 142 21.47 7.83 3.72
N CYS A 143 20.94 8.79 3.00
CA CYS A 143 19.49 8.93 2.75
C CYS A 143 19.15 8.68 1.30
N LEU A 144 18.06 7.94 1.06
CA LEU A 144 17.53 7.75 -0.28
C LEU A 144 16.96 9.07 -0.79
N GLN A 145 17.23 9.40 -2.04
CA GLN A 145 16.86 10.70 -2.60
C GLN A 145 16.30 10.54 -4.00
N SER A 146 15.24 11.29 -4.28
CA SER A 146 14.71 11.39 -5.64
C SER A 146 15.42 12.46 -6.42
N ASN A 147 15.30 12.36 -7.75
CA ASN A 147 16.01 13.26 -8.66
C ASN A 147 15.21 13.59 -9.93
N GLY A 148 13.90 13.60 -9.80
CA GLY A 148 13.02 13.93 -10.88
C GLY A 148 12.32 12.76 -11.50
N GLU A 149 11.22 13.03 -12.19
CA GLU A 149 10.49 11.99 -12.93
C GLU A 149 11.40 11.39 -13.99
N ASN A 150 11.28 10.07 -14.13
CA ASN A 150 12.05 9.23 -15.06
C ASN A 150 13.49 9.02 -14.66
N ASN A 151 13.98 9.69 -13.60
CA ASN A 151 15.37 9.54 -13.21
C ASN A 151 15.51 8.53 -12.07
N GLY A 152 16.75 8.07 -11.86
CA GLY A 152 17.01 7.14 -10.76
C GLY A 152 16.87 7.78 -9.41
N VAL A 153 16.58 6.93 -8.42
CA VAL A 153 16.83 7.33 -7.01
C VAL A 153 18.25 6.96 -6.65
N TRP A 154 18.82 7.62 -5.65
CA TRP A 154 20.15 7.33 -5.19
C TRP A 154 20.45 7.86 -3.80
N MET A 155 21.60 7.47 -3.27
CA MET A 155 21.99 7.84 -1.89
C MET A 155 22.74 9.16 -1.83
N GLU A 156 22.43 9.92 -0.78
N GLU A 156 22.37 10.02 -0.87
CA GLU A 156 23.16 11.13 -0.44
CA GLU A 156 23.08 11.28 -0.56
C GLU A 156 23.27 11.29 1.06
C GLU A 156 23.14 11.47 0.96
N ASP A 157 24.17 12.16 1.49
CA ASP A 157 24.24 12.51 2.89
C ASP A 157 22.92 13.09 3.34
N CYS A 158 22.43 12.62 4.49
CA CYS A 158 21.13 13.09 4.99
C CYS A 158 21.16 14.55 5.38
N GLU A 159 20.17 15.30 4.87
N GLU A 159 20.12 15.28 4.97
CA GLU A 159 20.03 16.75 5.07
CA GLU A 159 20.05 16.69 5.24
C GLU A 159 18.58 17.02 5.49
C GLU A 159 18.61 17.02 5.51
N ALA A 160 18.37 17.61 6.67
CA ALA A 160 17.03 18.03 7.08
C ALA A 160 16.34 18.94 6.05
N THR A 161 17.11 19.72 5.29
CA THR A 161 16.57 20.63 4.29
C THR A 161 16.42 20.08 2.90
N SER A 162 16.80 18.79 2.65
CA SER A 162 16.66 18.24 1.31
C SER A 162 15.26 17.71 1.15
N LEU A 163 14.42 18.40 0.36
CA LEU A 163 13.07 17.94 0.13
C LEU A 163 13.06 16.66 -0.67
N GLN A 164 14.04 16.43 -1.54
CA GLN A 164 14.01 15.20 -2.36
C GLN A 164 14.42 13.99 -1.55
N GLN A 165 14.78 14.19 -0.26
CA GLN A 165 14.97 13.07 0.68
C GLN A 165 13.74 12.80 1.50
N GLN A 166 12.66 13.49 1.21
CA GLN A 166 11.43 13.38 2.00
C GLN A 166 10.41 12.54 1.24
N TRP A 167 9.97 11.44 1.88
CA TRP A 167 9.10 10.45 1.25
C TRP A 167 7.78 10.35 1.95
N ALA A 168 6.71 10.33 1.17
CA ALA A 168 5.39 10.10 1.66
C ALA A 168 5.06 8.64 1.53
N LEU A 169 4.85 7.99 2.68
CA LEU A 169 4.58 6.57 2.73
C LEU A 169 3.07 6.44 2.71
N TYR A 170 2.54 6.19 1.51
CA TYR A 170 1.10 6.17 1.26
C TYR A 170 0.42 4.86 1.69
N GLY A 171 -0.88 4.91 1.94
CA GLY A 171 -1.58 3.72 2.40
C GLY A 171 -1.66 2.56 1.43
N ASP A 172 -1.55 2.88 0.14
CA ASP A 172 -1.51 1.88 -0.91
C ASP A 172 -0.14 1.20 -1.06
N ARG A 173 0.75 1.48 -0.12
CA ARG A 173 2.06 0.80 -0.09
C ARG A 173 3.00 1.32 -1.20
N THR A 174 2.68 2.53 -1.69
CA THR A 174 3.56 3.28 -2.54
C THR A 174 4.46 4.19 -1.72
N ILE A 175 5.63 4.48 -2.29
CA ILE A 175 6.61 5.39 -1.67
C ILE A 175 6.69 6.57 -2.64
N ARG A 176 6.17 7.72 -2.20
CA ARG A 176 6.01 8.84 -3.10
C ARG A 176 6.91 10.01 -2.77
N VAL A 177 7.22 10.77 -3.81
CA VAL A 177 7.98 12.03 -3.64
C VAL A 177 7.12 12.99 -2.83
N ASN A 178 7.56 13.38 -1.62
CA ASN A 178 6.65 14.09 -0.73
C ASN A 178 6.14 15.39 -1.35
N SER A 179 6.99 16.10 -2.08
N SER A 179 7.07 16.07 -2.05
CA SER A 179 6.56 17.37 -2.65
CA SER A 179 6.85 17.34 -2.75
C SER A 179 5.76 17.23 -3.96
C SER A 179 6.08 17.26 -4.08
N THR A 180 5.85 16.05 -4.58
CA THR A 180 5.23 15.78 -5.86
C THR A 180 4.54 14.42 -5.80
N ARG A 181 3.38 14.40 -5.16
CA ARG A 181 2.78 13.13 -4.69
C ARG A 181 2.10 12.30 -5.80
N GLY A 182 2.14 12.78 -7.06
CA GLY A 182 1.82 11.99 -8.21
C GLY A 182 2.90 11.05 -8.70
N LEU A 183 4.06 11.11 -8.09
CA LEU A 183 5.23 10.34 -8.51
C LEU A 183 5.61 9.29 -7.46
N CYS A 184 5.96 8.11 -7.98
CA CYS A 184 6.19 6.91 -7.16
C CYS A 184 7.55 6.31 -7.43
N VAL A 185 8.16 5.77 -6.38
CA VAL A 185 9.33 4.93 -6.55
C VAL A 185 8.88 3.67 -7.28
N THR A 186 9.60 3.36 -8.38
CA THR A 186 9.18 2.36 -9.35
C THR A 186 10.36 1.54 -9.79
N THR A 187 10.25 0.20 -9.75
CA THR A 187 11.29 -0.63 -10.35
C THR A 187 11.08 -0.68 -11.88
N ASN A 188 12.15 -0.57 -12.65
CA ASN A 188 12.05 -0.54 -14.11
C ASN A 188 12.25 -1.94 -14.59
N GLY A 189 11.33 -2.80 -14.17
CA GLY A 189 11.35 -4.22 -14.42
C GLY A 189 11.31 -5.07 -13.17
N TYR A 190 11.12 -6.39 -13.32
CA TYR A 190 11.03 -7.28 -12.22
C TYR A 190 12.20 -8.23 -12.10
N ASN A 191 13.27 -7.95 -12.84
CA ASN A 191 14.45 -8.78 -12.80
C ASN A 191 15.56 -8.25 -11.91
N SER A 192 16.39 -9.15 -11.43
N SER A 192 16.41 -9.16 -11.46
CA SER A 192 17.54 -8.76 -10.60
CA SER A 192 17.60 -8.78 -10.71
C SER A 192 18.41 -7.78 -11.40
C SER A 192 18.34 -7.70 -11.49
N LYS A 193 18.77 -6.69 -10.73
CA LYS A 193 19.57 -5.56 -11.24
C LYS A 193 18.78 -4.53 -12.04
N ASP A 194 17.46 -4.69 -12.17
CA ASP A 194 16.68 -3.62 -12.74
C ASP A 194 16.78 -2.38 -11.82
N LEU A 195 16.82 -1.20 -12.44
N LEU A 195 16.76 -1.21 -12.46
CA LEU A 195 17.03 0.03 -11.70
CA LEU A 195 16.97 0.05 -11.78
C LEU A 195 15.74 0.60 -11.14
C LEU A 195 15.71 0.56 -11.11
N ILE A 196 15.87 1.26 -9.99
CA ILE A 196 14.75 1.88 -9.31
C ILE A 196 14.80 3.38 -9.65
N ILE A 197 13.66 3.86 -10.13
CA ILE A 197 13.46 5.17 -10.68
C ILE A 197 12.20 5.81 -10.08
N ILE A 198 11.91 7.02 -10.50
CA ILE A 198 10.66 7.68 -10.19
C ILE A 198 9.80 7.77 -11.46
N LEU A 199 8.57 7.33 -11.37
CA LEU A 199 7.61 7.36 -12.47
C LEU A 199 6.24 7.78 -11.93
N LYS A 200 5.40 8.35 -12.81
CA LYS A 200 4.01 8.64 -12.45
C LYS A 200 3.37 7.41 -11.82
N CYS A 201 2.73 7.63 -10.69
CA CYS A 201 1.98 6.57 -10.01
C CYS A 201 0.84 6.07 -10.94
N GLN A 202 0.83 4.77 -11.19
CA GLN A 202 -0.14 4.15 -12.10
C GLN A 202 -0.70 2.85 -11.53
N GLY A 203 -0.55 2.64 -10.19
CA GLY A 203 -1.12 1.50 -9.52
C GLY A 203 -0.41 0.17 -9.79
N LEU A 204 0.79 0.21 -10.38
CA LEU A 204 1.40 -0.98 -10.92
C LEU A 204 2.12 -1.82 -9.85
N PRO A 205 2.34 -3.12 -10.16
CA PRO A 205 3.15 -3.95 -9.25
C PRO A 205 4.55 -3.42 -9.03
N SER A 206 5.08 -2.71 -10.01
CA SER A 206 6.40 -2.13 -9.95
C SER A 206 6.52 -0.96 -8.99
N GLN A 207 5.38 -0.53 -8.47
CA GLN A 207 5.30 0.66 -7.57
C GLN A 207 4.87 0.27 -6.14
N ARG A 208 4.75 -1.03 -5.90
CA ARG A 208 4.36 -1.54 -4.58
C ARG A 208 5.56 -2.00 -3.76
N TRP A 209 5.63 -1.60 -2.49
CA TRP A 209 6.75 -1.87 -1.60
C TRP A 209 6.25 -2.27 -0.22
N PHE A 210 7.07 -3.03 0.50
CA PHE A 210 6.74 -3.57 1.82
C PHE A 210 7.99 -3.42 2.69
N PHE A 211 7.89 -2.76 3.85
CA PHE A 211 8.98 -2.68 4.79
C PHE A 211 8.89 -3.85 5.75
N ASN A 212 9.79 -4.81 5.59
CA ASN A 212 9.70 -6.05 6.34
C ASN A 212 10.51 -5.97 7.66
N SER A 213 10.46 -7.04 8.44
N SER A 213 10.41 -7.04 8.45
CA SER A 213 11.07 -7.04 9.79
CA SER A 213 11.10 -7.08 9.77
C SER A 213 12.61 -7.21 9.80
C SER A 213 12.61 -6.90 9.66
N ASP A 214 13.21 -7.50 8.63
CA ASP A 214 14.66 -7.58 8.50
C ASP A 214 15.33 -6.27 8.03
N GLY A 215 14.58 -5.15 8.00
CA GLY A 215 15.13 -3.88 7.48
C GLY A 215 15.19 -3.81 5.97
N ALA A 216 14.58 -4.75 5.27
CA ALA A 216 14.50 -4.68 3.82
C ALA A 216 13.26 -3.94 3.32
N ILE A 217 13.40 -3.36 2.12
CA ILE A 217 12.28 -2.78 1.39
C ILE A 217 12.02 -3.68 0.17
N VAL A 218 10.93 -4.43 0.25
CA VAL A 218 10.66 -5.54 -0.64
C VAL A 218 9.63 -5.12 -1.72
N ASN A 219 9.84 -5.54 -2.98
CA ASN A 219 8.83 -5.42 -4.05
C ASN A 219 8.13 -6.74 -4.14
N PRO A 220 6.86 -6.83 -3.70
CA PRO A 220 6.27 -8.17 -3.59
C PRO A 220 6.21 -9.00 -4.86
N LYS A 221 5.90 -8.38 -6.01
CA LYS A 221 5.78 -9.19 -7.28
C LYS A 221 7.11 -9.88 -7.60
N SER A 222 8.19 -9.09 -7.60
CA SER A 222 9.48 -9.68 -8.00
C SER A 222 10.09 -10.55 -6.91
N ARG A 223 9.74 -10.25 -5.65
CA ARG A 223 10.31 -10.81 -4.41
C ARG A 223 11.61 -10.08 -4.00
N LEU A 224 12.10 -9.18 -4.84
CA LEU A 224 13.41 -8.63 -4.70
C LEU A 224 13.34 -7.37 -3.86
N VAL A 225 14.49 -6.93 -3.40
CA VAL A 225 14.57 -5.85 -2.39
C VAL A 225 15.48 -4.70 -2.86
N MET A 226 15.22 -3.50 -2.35
N MET A 226 15.27 -3.54 -2.26
CA MET A 226 16.02 -2.33 -2.70
CA MET A 226 16.08 -2.38 -2.55
C MET A 226 17.47 -2.51 -2.20
C MET A 226 17.53 -2.62 -2.19
N ASP A 227 18.43 -2.20 -3.08
CA ASP A 227 19.83 -2.53 -2.93
C ASP A 227 20.69 -1.43 -3.51
N VAL A 228 21.65 -0.95 -2.72
CA VAL A 228 22.60 0.05 -3.20
C VAL A 228 23.64 -0.71 -4.03
N ARG A 229 23.56 -0.52 -5.34
CA ARG A 229 24.28 -1.38 -6.29
C ARG A 229 25.75 -1.45 -5.98
N ALA A 230 26.24 -2.68 -5.90
CA ALA A 230 27.67 -2.95 -5.62
C ALA A 230 28.21 -2.33 -4.33
N SER A 231 27.35 -2.03 -3.35
CA SER A 231 27.75 -1.30 -2.15
C SER A 231 28.57 -0.05 -2.50
N ASN A 232 28.21 0.60 -3.60
CA ASN A 232 28.98 1.71 -4.16
C ASN A 232 28.07 2.89 -4.33
N VAL A 233 28.07 3.77 -3.31
CA VAL A 233 27.12 4.91 -3.35
C VAL A 233 27.44 5.85 -4.52
N SER A 234 28.71 5.89 -4.96
N SER A 234 28.71 5.87 -4.94
CA SER A 234 29.10 6.74 -6.07
CA SER A 234 29.13 6.70 -6.06
C SER A 234 28.52 6.34 -7.43
C SER A 234 28.56 6.31 -7.43
N LEU A 235 28.07 5.09 -7.59
CA LEU A 235 27.42 4.68 -8.84
C LEU A 235 26.07 5.38 -9.04
N ARG A 236 25.48 5.83 -7.92
CA ARG A 236 24.20 6.50 -7.95
C ARG A 236 23.16 5.64 -8.67
N GLU A 237 23.14 4.38 -8.24
CA GLU A 237 22.17 3.39 -8.74
C GLU A 237 21.67 2.55 -7.61
N ILE A 238 20.35 2.50 -7.50
CA ILE A 238 19.65 1.60 -6.57
C ILE A 238 18.93 0.61 -7.48
N ILE A 239 19.04 -0.67 -7.16
CA ILE A 239 18.49 -1.74 -7.96
C ILE A 239 17.60 -2.58 -7.06
N ILE A 240 16.83 -3.44 -7.69
CA ILE A 240 16.25 -4.59 -6.98
C ILE A 240 17.22 -5.76 -7.08
N PHE A 241 17.30 -6.53 -6.01
CA PHE A 241 18.19 -7.67 -5.95
C PHE A 241 17.66 -8.66 -4.91
N PRO A 242 18.00 -9.94 -5.04
CA PRO A 242 17.62 -10.86 -3.99
C PRO A 242 18.09 -10.46 -2.60
N ALA A 243 17.27 -10.71 -1.58
CA ALA A 243 17.60 -10.33 -0.18
C ALA A 243 18.80 -11.09 0.33
N THR A 244 19.81 -10.38 0.83
CA THR A 244 21.03 -10.97 1.37
C THR A 244 21.27 -10.63 2.84
N GLY A 245 20.51 -9.68 3.37
CA GLY A 245 20.79 -9.15 4.73
C GLY A 245 22.00 -8.24 4.87
N ASN A 246 22.68 -7.96 3.76
CA ASN A 246 23.94 -7.17 3.79
C ASN A 246 23.64 -5.69 4.06
N PRO A 247 24.62 -4.92 4.56
CA PRO A 247 24.39 -3.53 4.87
C PRO A 247 23.77 -2.68 3.74
N ASN A 248 24.11 -3.00 2.49
CA ASN A 248 23.57 -2.23 1.35
C ASN A 248 22.12 -2.52 1.01
N GLN A 249 21.46 -3.35 1.82
CA GLN A 249 20.04 -3.65 1.68
C GLN A 249 19.24 -3.34 2.97
N GLN A 250 19.89 -2.67 3.92
CA GLN A 250 19.26 -2.31 5.20
C GLN A 250 18.81 -0.88 5.18
N TRP A 251 17.58 -0.67 5.64
CA TRP A 251 16.89 0.62 5.59
C TRP A 251 16.07 0.81 6.86
N VAL A 252 15.95 2.06 7.31
N VAL A 252 15.91 2.09 7.23
CA VAL A 252 15.01 2.40 8.36
CA VAL A 252 15.21 2.55 8.43
C VAL A 252 14.38 3.75 8.05
C VAL A 252 14.37 3.75 7.95
N THR A 253 13.12 3.89 8.40
CA THR A 253 12.43 5.14 8.25
C THR A 253 12.71 6.02 9.46
N GLN A 254 12.91 7.31 9.17
CA GLN A 254 13.07 8.31 10.21
C GLN A 254 12.10 9.46 9.98
N VAL A 255 11.07 9.49 10.82
CA VAL A 255 10.03 10.48 10.72
C VAL A 255 10.61 11.88 10.73
N LEU A 256 10.04 12.69 9.86
CA LEU A 256 10.45 14.09 9.69
C LEU A 256 9.60 15.06 10.50
N PRO A 257 10.19 16.20 10.95
CA PRO A 257 9.42 17.18 11.70
C PRO A 257 8.44 17.96 10.85
#